data_3V9C
#
_entry.id   3V9C
#
_cell.length_a   52.653
_cell.length_b   77.051
_cell.length_c   130.216
_cell.angle_alpha   90.00
_cell.angle_beta   90.00
_cell.angle_gamma   90.00
#
_symmetry.space_group_name_H-M   'P 21 21 21'
#
loop_
_entity.id
_entity.type
_entity.pdbx_description
1 polymer Laccase
2 branched alpha-D-mannopyranose-(1-3)-[alpha-D-mannopyranose-(1-6)]alpha-D-mannopyranose-(1-6)-[alpha-D-mannopyranose-(1-3)]beta-D-mannopyranose-(1-4)-2-acetamido-2-deoxy-beta-D-glucopyranose-(1-4)-2-acetamido-2-deoxy-beta-D-glucopyranose
3 branched beta-D-mannopyranose-(1-4)-2-acetamido-2-deoxy-beta-D-glucopyranose-(1-4)-2-acetamido-2-deoxy-beta-D-glucopyranose
4 branched 2-acetamido-2-deoxy-beta-D-glucopyranose-(1-4)-2-acetamido-2-deoxy-beta-D-glucopyranose
5 non-polymer 'COPPER (II) ION'
6 non-polymer 'OXYGEN MOLECULE'
7 non-polymer 2-acetamido-2-deoxy-beta-D-glucopyranose
8 water water
#
_entity_poly.entity_id   1
_entity_poly.type   'polypeptide(L)'
_entity_poly.pdbx_seq_one_letter_code
;AVGPVADLTITDAAVSPDGFSRQAVVVNGVTPGPLVAGNIGDRFQLNVIDNLTNHTMLKSTSIHWHGFFQHGTNWADGPA
FINQCPISPGHSFLYDFQVPDQAGTFWYHSHLSTQYCDGLRGPFVVYDPNDPHASRYDVDNDDTVITLADWYHTAAKLGP
RFPGGADATLINGKGRAPSDSVAELSVIKVTKGKRYRFRLVSLSCNPNHTFSIDGHNLTIIEVDSVNSQPLEVDSIQIFA
AQRYSFVLDANQAVDNYWIRANPNFGNVGFDGGINSAILRYDGAPAVEPTTNQTTSVKPLNEVDLHPLVSTPVPGSPSSG
GVDKAINMAFNFNGSNFFINGASFVPPTVPVLLQILSGAQTAQDLLPSGSVYVLPSNASIEISFPATAAAPGAPHPFHLH
GHTFAVVRSAGSTVYNYDNPIFRDVVSTGTPAAGDNVTIRFDTNNPGPWFLHCHIDFHLEGGFAVVMAEDTPDVKAVNPV
PQAWSDLCPTYDALDPNDQ
;
_entity_poly.pdbx_strand_id   A
#
loop_
_chem_comp.id
_chem_comp.type
_chem_comp.name
_chem_comp.formula
BMA D-saccharide, beta linking beta-D-mannopyranose 'C6 H12 O6'
CU non-polymer 'COPPER (II) ION' 'Cu 2'
MAN D-saccharide, alpha linking alpha-D-mannopyranose 'C6 H12 O6'
NAG D-saccharide, beta linking 2-acetamido-2-deoxy-beta-D-glucopyranose 'C8 H15 N O6'
OXY non-polymer 'OXYGEN MOLECULE' O2
#
# COMPACT_ATOMS: atom_id res chain seq x y z
N ALA A 1 8.53 17.86 -1.99
CA ALA A 1 7.13 17.38 -1.89
C ALA A 1 6.16 18.31 -2.61
N VAL A 2 5.12 17.75 -3.21
CA VAL A 2 4.01 18.56 -3.71
C VAL A 2 2.84 18.42 -2.75
N GLY A 3 1.87 19.33 -2.85
CA GLY A 3 0.64 19.26 -2.05
C GLY A 3 0.68 20.17 -0.83
N PRO A 4 -0.45 20.26 -0.09
CA PRO A 4 -1.70 19.49 -0.22
C PRO A 4 -2.55 19.85 -1.42
N VAL A 5 -2.36 21.04 -1.99
CA VAL A 5 -3.07 21.44 -3.20
C VAL A 5 -2.08 21.38 -4.36
N ALA A 6 -2.32 20.49 -5.32
CA ALA A 6 -1.36 20.26 -6.38
C ALA A 6 -1.96 19.57 -7.59
N ASP A 7 -1.28 19.72 -8.72
CA ASP A 7 -1.61 18.97 -9.92
C ASP A 7 -0.74 17.73 -9.95
N LEU A 8 -1.36 16.59 -10.26
CA LEU A 8 -0.60 15.38 -10.56
C LEU A 8 -0.91 14.96 -11.97
N THR A 9 0.07 15.17 -12.85
CA THR A 9 -0.12 14.93 -14.26
C THR A 9 0.39 13.55 -14.64
N ILE A 10 -0.47 12.74 -15.24
CA ILE A 10 -0.16 11.36 -15.53
C ILE A 10 0.11 11.22 -17.01
N THR A 11 1.25 10.63 -17.37
CA THR A 11 1.63 10.50 -18.78
C THR A 11 2.33 9.16 -18.95
N ASP A 12 2.55 8.73 -20.18
CA ASP A 12 3.44 7.61 -20.46
C ASP A 12 4.77 8.20 -20.85
N ALA A 13 5.87 7.60 -20.40
CA ALA A 13 7.21 8.13 -20.69
C ALA A 13 8.24 7.01 -20.59
N ALA A 14 9.37 7.17 -21.27
CA ALA A 14 10.47 6.22 -21.15
C ALA A 14 11.20 6.44 -19.83
N VAL A 15 11.46 5.36 -19.09
CA VAL A 15 12.24 5.45 -17.86
C VAL A 15 13.28 4.36 -17.88
N SER A 16 14.36 4.56 -17.12
CA SER A 16 15.41 3.56 -17.07
C SER A 16 15.94 3.44 -15.64
N PRO A 17 15.10 2.97 -14.71
CA PRO A 17 15.52 2.96 -13.31
C PRO A 17 16.66 1.97 -13.01
N ASP A 18 16.85 1.00 -13.89
CA ASP A 18 17.90 -0.02 -13.74
C ASP A 18 18.76 -0.11 -15.02
N GLY A 19 18.78 0.97 -15.79
CA GLY A 19 19.60 1.00 -17.01
C GLY A 19 18.89 0.39 -18.20
N PHE A 20 17.70 -0.14 -18.00
CA PHE A 20 16.92 -0.75 -19.06
C PHE A 20 15.76 0.21 -19.37
N SER A 21 15.74 0.77 -20.58
CA SER A 21 14.68 1.70 -20.94
C SER A 21 13.37 1.00 -21.30
N ARG A 22 12.27 1.50 -20.74
CA ARG A 22 10.93 0.98 -21.09
C ARG A 22 9.89 2.07 -20.88
N GLN A 23 8.81 2.00 -21.63
CA GLN A 23 7.69 2.92 -21.45
C GLN A 23 7.02 2.59 -20.12
N ALA A 24 6.63 3.61 -19.39
CA ALA A 24 6.00 3.39 -18.09
C ALA A 24 4.96 4.48 -17.85
N VAL A 25 4.17 4.33 -16.82
CA VAL A 25 3.23 5.35 -16.44
C VAL A 25 3.90 6.16 -15.38
N VAL A 26 3.97 7.47 -15.58
CA VAL A 26 4.72 8.32 -14.65
C VAL A 26 3.86 9.45 -14.14
N VAL A 27 4.27 10.05 -13.02
CA VAL A 27 3.51 11.12 -12.33
C VAL A 27 4.41 12.32 -12.26
N ASN A 28 3.96 13.45 -12.84
CA ASN A 28 4.82 14.62 -12.93
C ASN A 28 6.18 14.24 -13.49
N GLY A 29 6.18 13.38 -14.51
CA GLY A 29 7.39 13.01 -15.25
C GLY A 29 8.26 11.91 -14.65
N VAL A 30 7.93 11.42 -13.45
CA VAL A 30 8.79 10.45 -12.78
C VAL A 30 8.01 9.23 -12.24
N THR A 31 8.70 8.09 -12.13
CA THR A 31 8.19 6.97 -11.32
C THR A 31 9.35 6.45 -10.46
N PRO A 32 9.11 6.16 -9.17
CA PRO A 32 7.89 6.47 -8.41
C PRO A 32 7.57 7.95 -8.51
N GLY A 33 6.30 8.29 -8.30
CA GLY A 33 5.85 9.66 -8.44
C GLY A 33 6.40 10.50 -7.29
N PRO A 34 6.25 11.83 -7.39
CA PRO A 34 6.81 12.68 -6.34
C PRO A 34 6.11 12.45 -5.01
N LEU A 35 6.81 12.77 -3.92
CA LEU A 35 6.22 12.80 -2.60
C LEU A 35 5.09 13.82 -2.53
N VAL A 36 3.91 13.36 -2.16
CA VAL A 36 2.84 14.25 -1.75
C VAL A 36 2.87 14.37 -0.22
N ALA A 37 2.71 15.60 0.28
CA ALA A 37 2.78 15.83 1.72
C ALA A 37 1.83 16.92 2.20
N GLY A 38 1.46 16.79 3.46
CA GLY A 38 0.79 17.87 4.15
C GLY A 38 0.86 17.58 5.63
N ASN A 39 -0.04 18.21 6.37
CA ASN A 39 -0.08 18.10 7.82
C ASN A 39 -1.44 17.60 8.27
N ILE A 40 -1.49 17.01 9.45
CA ILE A 40 -2.76 16.54 10.01
C ILE A 40 -3.73 17.75 10.07
N GLY A 41 -4.97 17.51 9.69
CA GLY A 41 -5.95 18.58 9.60
C GLY A 41 -6.12 19.17 8.21
N ASP A 42 -5.14 18.96 7.33
CA ASP A 42 -5.16 19.56 5.98
C ASP A 42 -6.28 19.05 5.11
N ARG A 43 -6.81 19.92 4.27
CA ARG A 43 -7.59 19.53 3.10
C ARG A 43 -6.65 19.33 1.92
N PHE A 44 -6.74 18.16 1.29
CA PHE A 44 -5.97 17.85 0.11
C PHE A 44 -6.84 18.04 -1.11
N GLN A 45 -6.30 18.73 -2.09
CA GLN A 45 -6.99 18.92 -3.35
C GLN A 45 -6.00 18.51 -4.41
N LEU A 46 -6.09 17.25 -4.78
CA LEU A 46 -5.13 16.68 -5.69
C LEU A 46 -5.75 16.51 -7.06
N ASN A 47 -5.36 17.39 -7.97
CA ASN A 47 -5.99 17.44 -9.29
C ASN A 47 -5.24 16.51 -10.23
N VAL A 48 -5.87 15.37 -10.52
CA VAL A 48 -5.21 14.32 -11.30
C VAL A 48 -5.53 14.54 -12.77
N ILE A 49 -4.48 14.83 -13.54
CA ILE A 49 -4.63 15.21 -14.92
C ILE A 49 -4.25 14.02 -15.76
N ASP A 50 -5.24 13.44 -16.44
CA ASP A 50 -4.97 12.24 -17.19
C ASP A 50 -4.58 12.57 -18.61
N ASN A 51 -3.27 12.56 -18.85
CA ASN A 51 -2.72 12.80 -20.19
C ASN A 51 -2.12 11.53 -20.81
N LEU A 52 -2.64 10.37 -20.44
CA LEU A 52 -2.14 9.07 -20.92
C LEU A 52 -2.62 8.81 -22.34
N THR A 53 -1.77 8.13 -23.12
CA THR A 53 -2.03 7.87 -24.54
C THR A 53 -1.86 6.41 -24.91
N ASN A 54 -1.43 5.59 -23.94
CA ASN A 54 -1.07 4.23 -24.24
C ASN A 54 -2.07 3.24 -23.69
N HIS A 55 -2.89 2.68 -24.59
CA HIS A 55 -3.92 1.73 -24.19
C HIS A 55 -3.40 0.46 -23.45
N THR A 56 -2.23 -0.02 -23.83
CA THR A 56 -1.64 -1.23 -23.23
C THR A 56 -1.38 -1.05 -21.71
N MET A 57 -1.07 0.18 -21.29
CA MET A 57 -0.89 0.47 -19.86
C MET A 57 -2.10 1.22 -19.30
N LEU A 58 -3.13 1.33 -20.17
CA LEU A 58 -4.44 1.94 -19.88
C LEU A 58 -4.39 3.47 -19.92
N LYS A 59 -5.29 4.06 -20.72
CA LYS A 59 -5.34 5.51 -20.89
C LYS A 59 -6.15 6.14 -19.79
N SER A 60 -7.04 5.35 -19.18
CA SER A 60 -7.83 5.79 -18.05
C SER A 60 -7.03 5.50 -16.79
N THR A 61 -7.45 6.12 -15.69
CA THR A 61 -6.76 5.90 -14.43
C THR A 61 -7.67 6.22 -13.29
N SER A 62 -7.30 5.76 -12.12
CA SER A 62 -8.04 6.10 -10.92
C SER A 62 -7.02 6.00 -9.81
N ILE A 63 -7.04 6.94 -8.86
CA ILE A 63 -5.97 6.97 -7.85
C ILE A 63 -6.48 6.71 -6.44
N HIS A 64 -5.83 5.77 -5.73
CA HIS A 64 -6.15 5.48 -4.34
C HIS A 64 -5.12 6.15 -3.45
N TRP A 65 -5.59 6.72 -2.33
CA TRP A 65 -4.74 7.40 -1.35
C TRP A 65 -4.70 6.42 -0.16
N HIS A 66 -3.67 5.59 -0.20
CA HIS A 66 -3.68 4.36 0.58
C HIS A 66 -3.46 4.65 2.05
N GLY A 67 -4.47 4.31 2.84
CA GLY A 67 -4.40 4.39 4.30
C GLY A 67 -5.36 5.42 4.89
N PHE A 68 -5.90 6.29 4.04
CA PHE A 68 -6.76 7.35 4.52
C PHE A 68 -8.17 6.87 4.70
N PHE A 69 -8.78 7.26 5.81
CA PHE A 69 -10.15 6.82 6.09
C PHE A 69 -11.19 7.33 5.10
N GLN A 70 -10.97 8.55 4.59
CA GLN A 70 -11.89 9.16 3.61
C GLN A 70 -13.30 9.26 4.15
N HIS A 71 -13.45 9.52 5.43
CA HIS A 71 -14.77 9.66 6.04
C HIS A 71 -15.55 10.80 5.37
N GLY A 72 -16.74 10.49 4.87
CA GLY A 72 -17.54 11.45 4.09
C GLY A 72 -17.07 11.77 2.68
N THR A 73 -15.92 11.21 2.28
CA THR A 73 -15.42 11.36 0.92
C THR A 73 -15.07 9.99 0.33
N ASN A 74 -15.97 9.03 0.51
CA ASN A 74 -15.78 7.69 -0.03
C ASN A 74 -15.62 7.69 -1.55
N TRP A 75 -16.21 8.68 -2.22
CA TRP A 75 -16.11 8.85 -3.66
C TRP A 75 -14.68 9.12 -4.14
N ALA A 76 -13.83 9.56 -3.22
CA ALA A 76 -12.46 9.91 -3.55
C ALA A 76 -11.47 8.75 -3.22
N ASP A 77 -11.97 7.61 -2.77
CA ASP A 77 -11.09 6.54 -2.30
C ASP A 77 -10.25 5.89 -3.40
N GLY A 78 -10.76 5.84 -4.63
CA GLY A 78 -9.92 5.34 -5.73
C GLY A 78 -10.25 4.06 -6.48
N PRO A 79 -10.62 2.97 -5.78
CA PRO A 79 -10.85 1.73 -6.52
C PRO A 79 -11.84 1.83 -7.69
N ALA A 80 -11.34 1.54 -8.89
CA ALA A 80 -12.16 1.59 -10.09
C ALA A 80 -13.34 0.62 -9.99
N PHE A 81 -14.52 1.13 -10.29
CA PHE A 81 -15.78 0.38 -10.20
C PHE A 81 -16.27 0.02 -8.79
N ILE A 82 -15.57 0.52 -7.76
CA ILE A 82 -16.07 0.43 -6.40
C ILE A 82 -16.45 1.83 -5.95
N ASN A 83 -15.50 2.75 -6.04
CA ASN A 83 -15.76 4.11 -5.57
C ASN A 83 -15.90 5.18 -6.65
N GLN A 84 -15.50 4.86 -7.87
CA GLN A 84 -15.63 5.77 -9.04
C GLN A 84 -15.48 5.00 -10.34
N CYS A 85 -15.93 5.59 -11.47
CA CYS A 85 -15.43 5.13 -12.77
C CYS A 85 -14.06 5.76 -12.95
N PRO A 86 -13.20 5.14 -13.74
CA PRO A 86 -11.89 5.77 -13.98
C PRO A 86 -11.98 7.15 -14.62
N ILE A 87 -10.97 7.98 -14.36
CA ILE A 87 -10.75 9.24 -15.07
C ILE A 87 -10.41 8.87 -16.52
N SER A 88 -10.97 9.61 -17.49
CA SER A 88 -10.76 9.32 -18.91
C SER A 88 -9.57 10.13 -19.46
N PRO A 89 -8.88 9.62 -20.48
CA PRO A 89 -7.77 10.38 -21.02
C PRO A 89 -8.25 11.71 -21.56
N GLY A 90 -7.43 12.75 -21.41
CA GLY A 90 -7.78 14.10 -21.79
C GLY A 90 -8.67 14.81 -20.81
N HIS A 91 -8.90 14.20 -19.66
CA HIS A 91 -9.72 14.84 -18.62
C HIS A 91 -8.92 14.96 -17.31
N SER A 92 -9.37 15.83 -16.42
CA SER A 92 -8.78 15.89 -15.09
C SER A 92 -9.88 15.60 -14.09
N PHE A 93 -9.48 15.20 -12.88
CA PHE A 93 -10.42 14.91 -11.82
C PHE A 93 -9.81 15.30 -10.47
N LEU A 94 -10.56 16.07 -9.70
CA LEU A 94 -10.09 16.62 -8.44
C LEU A 94 -10.47 15.71 -7.29
N TYR A 95 -9.47 15.12 -6.66
CA TYR A 95 -9.65 14.41 -5.41
C TYR A 95 -9.51 15.42 -4.29
N ASP A 96 -10.57 15.57 -3.53
CA ASP A 96 -10.65 16.63 -2.55
C ASP A 96 -11.13 15.99 -1.27
N PHE A 97 -10.22 15.89 -0.30
CA PHE A 97 -10.50 15.22 0.95
C PHE A 97 -9.69 15.77 2.09
N GLN A 98 -10.11 15.44 3.30
CA GLN A 98 -9.44 15.92 4.47
C GLN A 98 -8.87 14.75 5.23
N VAL A 99 -7.87 15.04 6.05
CA VAL A 99 -7.21 14.03 6.88
C VAL A 99 -7.21 14.59 8.30
N PRO A 100 -8.39 14.61 8.97
CA PRO A 100 -8.47 15.31 10.28
C PRO A 100 -7.82 14.59 11.46
N ASP A 101 -7.67 13.27 11.34
CA ASP A 101 -7.40 12.41 12.48
C ASP A 101 -6.31 11.38 12.19
N GLN A 102 -5.44 11.66 11.23
CA GLN A 102 -4.38 10.70 10.93
C GLN A 102 -3.11 11.43 10.62
N ALA A 103 -1.99 10.80 10.92
CA ALA A 103 -0.70 11.33 10.53
C ALA A 103 0.26 10.17 10.45
N GLY A 104 1.14 10.20 9.47
CA GLY A 104 2.02 9.05 9.30
C GLY A 104 2.43 8.91 7.87
N THR A 105 2.81 7.69 7.52
CA THR A 105 3.36 7.40 6.21
C THR A 105 2.34 6.63 5.38
N PHE A 106 2.10 7.13 4.18
CA PHE A 106 1.06 6.61 3.29
C PHE A 106 1.67 6.52 1.89
N TRP A 107 0.84 6.17 0.91
CA TRP A 107 1.27 6.26 -0.47
C TRP A 107 0.04 6.40 -1.35
N TYR A 108 0.26 6.70 -2.62
CA TYR A 108 -0.83 6.77 -3.58
C TYR A 108 -0.46 5.89 -4.77
N HIS A 109 -1.47 5.31 -5.40
CA HIS A 109 -1.22 4.44 -6.55
C HIS A 109 -2.47 4.29 -7.38
N SER A 110 -2.30 3.98 -8.66
CA SER A 110 -3.44 3.65 -9.49
C SER A 110 -4.17 2.48 -8.85
N HIS A 111 -5.49 2.59 -8.77
CA HIS A 111 -6.30 1.47 -8.32
C HIS A 111 -7.19 1.00 -9.47
N LEU A 112 -6.62 1.02 -10.68
CA LEU A 112 -7.28 0.50 -11.85
C LEU A 112 -6.42 -0.63 -12.41
N SER A 113 -7.00 -1.83 -12.45
CA SER A 113 -6.34 -3.00 -12.98
C SER A 113 -4.94 -3.14 -12.35
N THR A 114 -3.94 -3.43 -13.16
CA THR A 114 -2.57 -3.58 -12.65
C THR A 114 -1.71 -2.36 -13.01
N GLN A 115 -2.37 -1.23 -13.26
CA GLN A 115 -1.69 -0.01 -13.74
C GLN A 115 -0.62 0.53 -12.79
N TYR A 116 -0.78 0.32 -11.48
CA TYR A 116 0.28 0.82 -10.59
C TYR A 116 1.61 0.08 -10.73
N CYS A 117 1.56 -1.16 -11.21
CA CYS A 117 2.79 -1.91 -11.47
C CYS A 117 3.61 -1.28 -12.59
N ASP A 118 2.92 -0.65 -13.55
CA ASP A 118 3.56 -0.01 -14.69
C ASP A 118 4.10 1.37 -14.33
N GLY A 119 3.91 1.78 -13.08
CA GLY A 119 4.67 2.92 -12.54
C GLY A 119 3.86 3.98 -11.81
N LEU A 120 2.53 3.90 -11.83
CA LEU A 120 1.73 4.94 -11.17
C LEU A 120 1.62 4.70 -9.66
N ARG A 121 2.64 5.15 -8.93
CA ARG A 121 2.70 4.95 -7.47
C ARG A 121 3.71 5.93 -6.90
N GLY A 122 3.49 6.39 -5.69
CA GLY A 122 4.44 7.31 -5.07
C GLY A 122 4.13 7.43 -3.61
N PRO A 123 5.07 7.98 -2.83
CA PRO A 123 4.84 8.12 -1.38
C PRO A 123 4.00 9.33 -0.99
N PHE A 124 3.42 9.28 0.21
CA PHE A 124 2.50 10.32 0.68
C PHE A 124 2.71 10.41 2.17
N VAL A 125 3.13 11.58 2.66
CA VAL A 125 3.37 11.72 4.09
C VAL A 125 2.47 12.81 4.68
N VAL A 126 1.84 12.50 5.81
CA VAL A 126 1.13 13.50 6.58
C VAL A 126 1.88 13.70 7.90
N TYR A 127 2.46 14.90 8.05
CA TYR A 127 3.28 15.23 9.24
C TYR A 127 2.41 15.65 10.42
N ASP A 128 2.93 15.46 11.62
CA ASP A 128 2.26 15.86 12.86
C ASP A 128 3.20 16.87 13.52
N PRO A 129 2.80 18.17 13.57
CA PRO A 129 3.67 19.18 14.21
C PRO A 129 3.88 18.88 15.70
N ASN A 130 3.02 18.06 16.27
CA ASN A 130 3.09 17.63 17.67
C ASN A 130 3.39 16.15 17.78
N ASP A 131 4.11 15.60 16.81
CA ASP A 131 4.37 14.17 16.77
C ASP A 131 4.91 13.65 18.08
N PRO A 132 4.26 12.63 18.67
CA PRO A 132 4.75 12.20 19.99
C PRO A 132 6.12 11.55 19.96
N HIS A 133 6.62 11.22 18.77
CA HIS A 133 7.93 10.60 18.63
C HIS A 133 9.02 11.59 18.27
N ALA A 134 8.67 12.86 18.15
CA ALA A 134 9.59 13.87 17.62
C ALA A 134 10.93 13.94 18.35
N SER A 135 10.92 13.64 19.64
CA SER A 135 12.15 13.77 20.43
C SER A 135 13.18 12.66 20.11
N ARG A 136 12.72 11.61 19.44
CA ARG A 136 13.58 10.50 19.01
C ARG A 136 14.43 10.80 17.76
N TYR A 137 14.23 11.95 17.12
CA TYR A 137 14.98 12.20 15.88
C TYR A 137 15.18 13.67 15.51
N ASP A 138 16.15 13.92 14.64
CA ASP A 138 16.51 15.28 14.21
C ASP A 138 16.02 15.63 12.82
N VAL A 139 16.06 14.66 11.90
CA VAL A 139 15.73 14.94 10.51
C VAL A 139 14.55 14.07 10.08
N ASP A 140 13.58 14.70 9.43
CA ASP A 140 12.41 14.05 8.88
C ASP A 140 11.95 14.96 7.76
N ASN A 141 12.29 14.59 6.54
CA ASN A 141 12.00 15.42 5.36
C ASN A 141 11.94 14.57 4.06
N ASP A 142 11.92 15.24 2.90
CA ASP A 142 11.80 14.52 1.62
C ASP A 142 12.88 13.47 1.48
N ASP A 143 14.05 13.73 2.07
CA ASP A 143 15.21 12.87 1.89
C ASP A 143 15.28 11.72 2.88
N THR A 144 14.29 11.62 3.76
CA THR A 144 14.20 10.47 4.67
C THR A 144 13.04 9.50 4.32
N VAL A 145 12.44 9.71 3.16
CA VAL A 145 11.46 8.76 2.63
C VAL A 145 12.24 7.70 1.84
N ILE A 146 12.03 6.44 2.18
CA ILE A 146 12.63 5.35 1.42
C ILE A 146 11.51 4.51 0.79
N THR A 147 11.46 4.49 -0.54
CA THR A 147 10.44 3.71 -1.20
C THR A 147 11.08 2.40 -1.69
N LEU A 148 10.30 1.32 -1.64
CA LEU A 148 10.72 0.07 -2.23
C LEU A 148 9.74 -0.27 -3.36
N ALA A 149 10.25 -0.64 -4.53
CA ALA A 149 9.37 -1.04 -5.64
C ALA A 149 9.95 -2.23 -6.40
N ASP A 150 9.07 -3.11 -6.87
CA ASP A 150 9.41 -4.17 -7.79
C ASP A 150 9.34 -3.59 -9.20
N TRP A 151 10.31 -3.93 -10.03
CA TRP A 151 10.34 -3.34 -11.35
C TRP A 151 10.45 -4.42 -12.38
N TYR A 152 9.61 -4.34 -13.41
CA TYR A 152 9.55 -5.38 -14.44
C TYR A 152 9.96 -4.80 -15.79
N HIS A 153 10.66 -5.60 -16.59
CA HIS A 153 11.09 -5.15 -17.92
C HIS A 153 9.98 -5.29 -18.94
N THR A 154 9.05 -6.19 -18.68
CA THR A 154 7.85 -6.37 -19.50
C THR A 154 6.63 -5.78 -18.79
N ALA A 155 5.85 -5.00 -19.51
CA ALA A 155 4.66 -4.35 -18.97
C ALA A 155 3.65 -5.35 -18.40
N ALA A 156 2.87 -4.86 -17.44
CA ALA A 156 1.93 -5.68 -16.68
C ALA A 156 0.96 -6.49 -17.55
N LYS A 157 0.42 -5.87 -18.60
CA LYS A 157 -0.52 -6.59 -19.46
C LYS A 157 0.19 -7.48 -20.51
N LEU A 158 1.50 -7.38 -20.59
CA LEU A 158 2.26 -8.06 -21.64
C LEU A 158 3.05 -9.26 -21.12
N GLY A 159 3.23 -9.32 -19.81
CA GLY A 159 3.98 -10.43 -19.22
C GLY A 159 3.10 -11.60 -18.84
N PRO A 160 3.65 -12.56 -18.06
CA PRO A 160 2.83 -13.61 -17.47
C PRO A 160 1.73 -12.99 -16.61
N ARG A 161 0.62 -13.70 -16.46
CA ARG A 161 -0.47 -13.28 -15.58
C ARG A 161 0.01 -13.07 -14.13
N PHE A 162 0.86 -13.98 -13.65
CA PHE A 162 1.42 -13.95 -12.31
C PHE A 162 2.93 -14.10 -12.41
N PRO A 163 3.64 -12.97 -12.56
CA PRO A 163 5.09 -13.03 -12.69
C PRO A 163 5.75 -13.70 -11.49
N GLY A 164 6.82 -14.45 -11.75
CA GLY A 164 7.59 -15.09 -10.69
C GLY A 164 8.74 -14.20 -10.24
N GLY A 165 8.45 -12.93 -9.97
CA GLY A 165 9.49 -12.00 -9.49
C GLY A 165 9.83 -10.87 -10.43
N ALA A 166 10.38 -9.79 -9.86
CA ALA A 166 10.72 -8.61 -10.61
C ALA A 166 12.09 -8.76 -11.25
N ASP A 167 12.36 -7.96 -12.28
CA ASP A 167 13.70 -7.92 -12.83
C ASP A 167 14.63 -7.16 -11.88
N ALA A 168 14.09 -6.20 -11.13
CA ALA A 168 14.88 -5.40 -10.20
C ALA A 168 14.03 -4.92 -9.03
N THR A 169 14.64 -4.88 -7.86
CA THR A 169 14.08 -4.12 -6.77
C THR A 169 14.66 -2.74 -6.85
N LEU A 170 13.78 -1.75 -6.77
CA LEU A 170 14.18 -0.37 -6.77
C LEU A 170 14.03 0.21 -5.37
N ILE A 171 15.09 0.88 -4.93
CA ILE A 171 15.06 1.60 -3.65
C ILE A 171 15.24 3.05 -4.01
N ASN A 172 14.26 3.88 -3.62
CA ASN A 172 14.22 5.27 -4.06
C ASN A 172 14.39 5.41 -5.57
N GLY A 173 13.72 4.54 -6.32
CA GLY A 173 13.59 4.73 -7.77
C GLY A 173 14.71 4.12 -8.59
N LYS A 174 15.72 3.56 -7.93
CA LYS A 174 16.88 3.02 -8.64
C LYS A 174 17.27 1.65 -8.10
N GLY A 175 17.79 0.79 -8.97
CA GLY A 175 18.34 -0.47 -8.51
C GLY A 175 18.89 -1.24 -9.68
N ARG A 176 19.52 -2.39 -9.42
CA ARG A 176 20.12 -3.13 -10.49
C ARG A 176 19.39 -4.41 -10.85
N ALA A 177 19.43 -4.69 -12.14
CA ALA A 177 19.00 -5.94 -12.75
C ALA A 177 20.26 -6.64 -13.25
N PRO A 178 20.19 -7.97 -13.51
CA PRO A 178 21.33 -8.69 -14.07
C PRO A 178 21.81 -8.15 -15.42
N SER A 179 20.93 -7.47 -16.15
CA SER A 179 21.29 -6.92 -17.47
C SER A 179 22.18 -5.66 -17.45
N ASP A 180 22.40 -5.08 -16.26
CA ASP A 180 23.28 -3.90 -16.15
C ASP A 180 23.85 -3.82 -14.73
N SER A 181 25.04 -4.39 -14.57
CA SER A 181 25.74 -4.52 -13.29
C SER A 181 26.23 -3.18 -12.73
N VAL A 182 26.27 -2.15 -13.57
CA VAL A 182 26.80 -0.85 -13.17
C VAL A 182 25.75 0.26 -13.17
N ALA A 183 24.46 -0.09 -13.24
CA ALA A 183 23.40 0.92 -13.14
C ALA A 183 23.54 1.72 -11.85
N GLU A 184 23.19 3.00 -11.92
CA GLU A 184 23.33 3.91 -10.79
C GLU A 184 22.48 3.45 -9.62
N LEU A 185 23.12 3.32 -8.46
CA LEU A 185 22.43 3.02 -7.20
C LEU A 185 21.96 4.28 -6.51
N SER A 186 20.85 4.17 -5.78
CA SER A 186 20.38 5.28 -4.94
C SER A 186 21.33 5.47 -3.76
N VAL A 187 21.49 6.73 -3.37
CA VAL A 187 22.30 7.11 -2.23
C VAL A 187 21.40 7.86 -1.27
N ILE A 188 21.44 7.43 -0.02
CA ILE A 188 20.69 8.08 1.05
C ILE A 188 21.76 8.70 1.93
N LYS A 189 21.73 10.02 2.05
CA LYS A 189 22.78 10.73 2.78
C LYS A 189 22.40 10.93 4.23
N VAL A 190 23.36 10.72 5.13
CA VAL A 190 23.17 11.03 6.56
C VAL A 190 24.40 11.77 7.05
N THR A 191 24.20 12.66 8.01
CA THR A 191 25.31 13.36 8.68
C THR A 191 25.61 12.66 10.00
N LYS A 192 26.86 12.28 10.21
CA LYS A 192 27.26 11.62 11.47
C LYS A 192 26.74 12.39 12.69
N GLY A 193 26.19 11.66 13.65
CA GLY A 193 25.65 12.26 14.87
C GLY A 193 24.19 12.69 14.83
N LYS A 194 23.59 12.71 13.64
CA LYS A 194 22.18 13.10 13.52
C LYS A 194 21.30 11.83 13.51
N ARG A 195 20.05 11.97 13.98
CA ARG A 195 19.08 10.87 14.04
C ARG A 195 17.98 11.13 13.00
N TYR A 196 17.62 10.08 12.26
CA TYR A 196 16.78 10.19 11.06
C TYR A 196 15.50 9.39 11.23
N ARG A 197 14.36 10.03 10.95
CA ARG A 197 13.13 9.28 10.85
C ARG A 197 12.96 8.85 9.39
N PHE A 198 13.35 7.60 9.11
CA PHE A 198 13.18 7.05 7.78
C PHE A 198 11.79 6.48 7.67
N ARG A 199 11.11 6.90 6.63
CA ARG A 199 9.76 6.46 6.38
C ARG A 199 9.83 5.46 5.20
N LEU A 200 9.70 4.18 5.56
CA LEU A 200 9.88 3.08 4.63
C LEU A 200 8.51 2.70 4.09
N VAL A 201 8.34 2.87 2.77
CA VAL A 201 7.06 2.60 2.10
C VAL A 201 7.22 1.52 1.03
N SER A 202 6.48 0.42 1.13
CA SER A 202 6.50 -0.57 0.07
C SER A 202 5.50 -0.18 -1.01
N LEU A 203 6.01 0.12 -2.20
CA LEU A 203 5.16 0.41 -3.36
C LEU A 203 5.03 -0.84 -4.24
N SER A 204 5.36 -1.99 -3.64
CA SER A 204 5.42 -3.24 -4.34
C SER A 204 4.09 -3.69 -4.91
N CYS A 205 4.16 -4.18 -6.14
CA CYS A 205 3.03 -4.81 -6.77
C CYS A 205 2.90 -6.28 -6.37
N ASN A 206 3.95 -6.86 -5.78
CA ASN A 206 3.90 -8.31 -5.53
C ASN A 206 4.85 -8.80 -4.41
N PRO A 207 6.16 -8.86 -4.68
CA PRO A 207 7.01 -9.46 -3.65
C PRO A 207 7.03 -8.61 -2.38
N ASN A 208 7.29 -9.28 -1.26
CA ASN A 208 7.64 -8.58 -0.03
C ASN A 208 9.16 -8.46 0.02
N HIS A 209 9.68 -7.62 0.92
CA HIS A 209 11.12 -7.39 0.95
C HIS A 209 11.61 -7.43 2.39
N THR A 210 12.77 -8.01 2.60
CA THR A 210 13.40 -8.05 3.92
C THR A 210 14.46 -6.98 3.93
N PHE A 211 14.18 -5.91 4.68
CA PHE A 211 14.96 -4.69 4.66
C PHE A 211 15.92 -4.62 5.85
N SER A 212 17.16 -4.23 5.59
CA SER A 212 18.15 -4.04 6.63
C SER A 212 19.21 -3.09 6.14
N ILE A 213 19.98 -2.54 7.07
CA ILE A 213 21.07 -1.63 6.75
C ILE A 213 22.31 -2.13 7.51
N ASP A 214 23.39 -2.35 6.76
CA ASP A 214 24.60 -2.92 7.34
C ASP A 214 25.09 -2.03 8.47
N GLY A 215 25.44 -2.66 9.60
CA GLY A 215 26.03 -1.96 10.76
C GLY A 215 25.13 -1.03 11.55
N HIS A 216 23.82 -1.03 11.25
CA HIS A 216 22.88 -0.15 11.94
C HIS A 216 21.65 -0.90 12.37
N ASN A 217 21.18 -0.61 13.57
CA ASN A 217 19.90 -1.10 14.04
C ASN A 217 18.84 -0.03 13.83
N LEU A 218 17.58 -0.45 13.89
CA LEU A 218 16.48 0.41 13.51
C LEU A 218 15.46 0.42 14.65
N THR A 219 14.86 1.58 14.90
CA THR A 219 13.84 1.63 15.93
C THR A 219 12.50 1.98 15.28
N ILE A 220 11.62 0.99 15.20
CA ILE A 220 10.30 1.20 14.63
C ILE A 220 9.44 2.05 15.56
N ILE A 221 8.86 3.12 15.01
CA ILE A 221 7.99 4.03 15.75
C ILE A 221 6.60 4.24 15.09
N GLU A 222 6.41 3.69 13.89
CA GLU A 222 5.13 3.82 13.19
C GLU A 222 4.90 2.61 12.30
N VAL A 223 3.66 2.15 12.26
CA VAL A 223 3.28 0.96 11.50
C VAL A 223 2.03 1.34 10.72
N ASP A 224 2.13 1.40 9.39
CA ASP A 224 0.98 1.73 8.55
C ASP A 224 0.23 2.95 9.10
N SER A 225 0.95 4.00 9.46
CA SER A 225 0.34 5.26 9.91
C SER A 225 -0.21 5.22 11.37
N VAL A 226 0.16 4.20 12.12
CA VAL A 226 -0.26 4.10 13.52
C VAL A 226 1.01 4.17 14.35
N ASN A 227 1.09 5.15 15.25
CA ASN A 227 2.26 5.30 16.10
C ASN A 227 2.39 4.08 16.95
N SER A 228 3.59 3.53 17.01
CA SER A 228 3.84 2.36 17.84
C SER A 228 4.81 2.74 18.97
N GLN A 229 4.84 1.89 19.99
CA GLN A 229 5.92 1.92 20.94
C GLN A 229 7.19 1.61 20.18
N PRO A 230 8.33 2.15 20.65
CA PRO A 230 9.59 1.98 19.94
C PRO A 230 10.05 0.52 20.01
N LEU A 231 10.25 -0.09 18.85
CA LEU A 231 10.70 -1.48 18.80
C LEU A 231 12.03 -1.52 18.06
N GLU A 232 13.10 -1.89 18.78
CA GLU A 232 14.40 -2.00 18.13
C GLU A 232 14.50 -3.32 17.36
N VAL A 233 14.87 -3.22 16.08
CA VAL A 233 15.00 -4.40 15.24
C VAL A 233 16.27 -4.27 14.42
N ASP A 234 16.76 -5.36 13.84
CA ASP A 234 17.89 -5.21 12.91
C ASP A 234 17.51 -5.60 11.49
N SER A 235 16.24 -5.98 11.29
CA SER A 235 15.67 -6.16 9.94
C SER A 235 14.15 -6.14 9.95
N ILE A 236 13.57 -5.78 8.80
CA ILE A 236 12.14 -5.58 8.68
C ILE A 236 11.66 -6.31 7.45
N GLN A 237 10.85 -7.35 7.63
CA GLN A 237 10.15 -7.93 6.47
C GLN A 237 8.90 -7.08 6.24
N ILE A 238 8.88 -6.35 5.13
CA ILE A 238 7.79 -5.45 4.82
C ILE A 238 6.98 -5.98 3.63
N PHE A 239 5.68 -6.11 3.80
CA PHE A 239 4.82 -6.66 2.73
C PHE A 239 4.36 -5.54 1.83
N ALA A 240 3.98 -5.90 0.61
CA ALA A 240 3.45 -4.94 -0.35
C ALA A 240 2.42 -4.05 0.36
N ALA A 241 2.66 -2.75 0.24
CA ALA A 241 1.74 -1.67 0.64
C ALA A 241 1.84 -1.27 2.11
N GLN A 242 2.67 -1.98 2.87
CA GLN A 242 2.86 -1.62 4.26
C GLN A 242 3.82 -0.44 4.35
N ARG A 243 3.78 0.26 5.49
CA ARG A 243 4.74 1.32 5.84
C ARG A 243 5.27 1.15 7.25
N TYR A 244 6.53 1.56 7.45
CA TYR A 244 7.12 1.68 8.78
C TYR A 244 7.94 2.95 8.79
N SER A 245 7.84 3.71 9.88
CA SER A 245 8.88 4.67 10.20
C SER A 245 9.84 3.99 11.16
N PHE A 246 11.13 4.19 10.91
CA PHE A 246 12.15 3.73 11.84
C PHE A 246 13.16 4.83 12.02
N VAL A 247 13.66 4.91 13.25
CA VAL A 247 14.73 5.84 13.59
C VAL A 247 16.06 5.16 13.38
N LEU A 248 16.93 5.83 12.62
CA LEU A 248 18.30 5.36 12.45
C LEU A 248 19.16 6.45 13.07
N ASP A 249 20.06 6.04 13.95
CA ASP A 249 21.03 6.95 14.53
C ASP A 249 22.31 6.81 13.69
N ALA A 250 22.73 7.90 13.05
CA ALA A 250 23.92 7.85 12.20
C ALA A 250 25.18 8.02 13.05
N ASN A 251 25.43 7.06 13.93
CA ASN A 251 26.53 7.18 14.89
C ASN A 251 27.62 6.15 14.63
N GLN A 252 27.65 5.59 13.43
CA GLN A 252 28.74 4.70 13.08
C GLN A 252 29.85 5.52 12.47
N ALA A 253 30.95 4.87 12.08
CA ALA A 253 32.04 5.54 11.39
C ALA A 253 31.57 6.13 10.08
N VAL A 254 32.06 7.32 9.75
CA VAL A 254 31.86 7.92 8.44
C VAL A 254 32.29 6.90 7.38
N ASP A 255 31.32 6.42 6.59
CA ASP A 255 31.57 5.36 5.60
C ASP A 255 30.33 5.13 4.71
N ASN A 256 30.43 4.15 3.84
CA ASN A 256 29.34 3.68 3.00
C ASN A 256 28.87 2.33 3.50
N TYR A 257 27.56 2.23 3.79
CA TYR A 257 26.95 1.00 4.28
C TYR A 257 25.86 0.59 3.30
N TRP A 258 25.79 -0.72 3.01
CA TRP A 258 24.77 -1.23 2.10
C TRP A 258 23.37 -1.15 2.75
N ILE A 259 22.42 -0.60 2.00
CA ILE A 259 21.00 -0.76 2.33
C ILE A 259 20.48 -1.96 1.53
N ARG A 260 19.84 -2.90 2.19
CA ARG A 260 19.40 -4.14 1.57
C ARG A 260 17.88 -4.31 1.59
N ALA A 261 17.31 -4.72 0.45
CA ALA A 261 15.88 -5.03 0.35
C ALA A 261 15.69 -6.31 -0.45
N ASN A 262 15.76 -7.44 0.24
CA ASN A 262 15.80 -8.75 -0.39
C ASN A 262 14.37 -9.26 -0.68
N PRO A 263 14.01 -9.43 -1.96
CA PRO A 263 12.64 -9.87 -2.24
C PRO A 263 12.43 -11.32 -1.83
N ASN A 264 11.18 -11.73 -1.61
CA ASN A 264 10.93 -13.13 -1.21
C ASN A 264 11.12 -14.10 -2.39
N PHE A 265 11.02 -13.60 -3.62
CA PHE A 265 11.34 -14.43 -4.78
C PHE A 265 11.77 -13.52 -5.92
N GLY A 266 12.28 -14.11 -7.00
CA GLY A 266 12.82 -13.38 -8.14
C GLY A 266 14.33 -13.50 -8.10
N ASN A 267 15.03 -12.38 -8.31
CA ASN A 267 16.48 -12.33 -8.16
C ASN A 267 16.78 -12.01 -6.72
N VAL A 268 17.07 -13.05 -5.95
CA VAL A 268 17.27 -12.90 -4.50
C VAL A 268 18.76 -12.70 -4.25
N GLY A 269 19.13 -12.15 -3.10
CA GLY A 269 20.52 -11.95 -2.77
C GLY A 269 21.03 -10.63 -3.29
N PHE A 270 22.35 -10.50 -3.37
CA PHE A 270 23.00 -9.20 -3.56
C PHE A 270 24.15 -9.21 -4.56
N ASP A 271 24.20 -10.26 -5.38
CA ASP A 271 25.25 -10.38 -6.41
C ASP A 271 25.20 -9.19 -7.35
N GLY A 272 26.33 -8.49 -7.49
CA GLY A 272 26.45 -7.35 -8.37
C GLY A 272 25.74 -6.10 -7.82
N GLY A 273 25.41 -6.10 -6.54
CA GLY A 273 24.70 -4.96 -5.93
C GLY A 273 23.22 -4.84 -6.32
N ILE A 274 22.59 -5.95 -6.73
CA ILE A 274 21.13 -5.99 -6.90
C ILE A 274 20.47 -5.89 -5.52
N ASN A 275 19.19 -5.51 -5.49
CA ASN A 275 18.42 -5.41 -4.25
C ASN A 275 19.06 -4.51 -3.19
N SER A 276 19.79 -3.48 -3.65
CA SER A 276 20.64 -2.65 -2.78
C SER A 276 20.61 -1.16 -3.12
N ALA A 277 20.89 -0.38 -2.07
CA ALA A 277 21.14 1.04 -2.20
C ALA A 277 22.28 1.38 -1.24
N ILE A 278 22.67 2.65 -1.19
CA ILE A 278 23.85 3.05 -0.43
C ILE A 278 23.47 4.06 0.63
N LEU A 279 23.78 3.73 1.89
CA LEU A 279 23.72 4.72 2.98
C LEU A 279 25.10 5.41 3.05
N ARG A 280 25.16 6.69 2.69
CA ARG A 280 26.44 7.42 2.65
C ARG A 280 26.50 8.51 3.68
N TYR A 281 27.40 8.37 4.65
CA TYR A 281 27.71 9.43 5.62
C TYR A 281 28.43 10.60 4.92
N ASP A 282 28.04 11.84 5.23
CA ASP A 282 28.75 13.04 4.71
C ASP A 282 30.23 12.84 4.96
N GLY A 283 31.05 12.97 3.91
CA GLY A 283 32.50 12.79 4.03
C GLY A 283 33.05 11.46 3.54
N ALA A 284 32.18 10.46 3.39
CA ALA A 284 32.61 9.17 2.84
C ALA A 284 32.88 9.29 1.34
N PRO A 285 33.83 8.50 0.78
CA PRO A 285 34.05 8.60 -0.67
C PRO A 285 32.81 8.19 -1.49
N ALA A 286 32.67 8.74 -2.69
CA ALA A 286 31.56 8.46 -3.58
C ALA A 286 31.75 7.09 -4.27
N VAL A 287 31.77 6.03 -3.46
CA VAL A 287 32.00 4.67 -3.95
C VAL A 287 30.97 3.70 -3.35
N GLU A 288 30.98 2.46 -3.82
CA GLU A 288 30.11 1.41 -3.29
C GLU A 288 30.55 1.00 -1.92
N PRO A 289 29.59 0.61 -1.07
CA PRO A 289 29.97 0.00 0.20
C PRO A 289 30.70 -1.30 -0.02
N THR A 290 31.51 -1.69 0.95
CA THR A 290 32.13 -3.00 0.97
C THR A 290 31.79 -3.64 2.30
N THR A 291 30.76 -3.11 2.98
CA THR A 291 30.31 -3.69 4.25
C THR A 291 29.67 -5.06 4.04
N ASN A 292 29.67 -5.88 5.07
CA ASN A 292 29.08 -7.21 4.99
C ASN A 292 27.78 -7.26 5.77
N GLN A 293 26.79 -7.98 5.23
CA GLN A 293 25.57 -8.21 5.99
C GLN A 293 25.83 -9.16 7.15
N THR A 294 25.26 -8.84 8.30
CA THR A 294 25.32 -9.76 9.43
C THR A 294 23.94 -10.36 9.69
N THR A 295 23.91 -11.56 10.24
CA THR A 295 22.66 -12.25 10.52
C THR A 295 21.75 -11.36 11.36
N SER A 296 20.47 -11.34 10.99
CA SER A 296 19.48 -10.64 11.79
C SER A 296 19.27 -11.40 13.10
N VAL A 297 19.53 -10.72 14.22
CA VAL A 297 19.32 -11.34 15.54
C VAL A 297 18.10 -10.71 16.23
N LYS A 298 17.63 -9.57 15.74
CA LYS A 298 16.38 -8.99 16.21
C LYS A 298 15.44 -8.63 15.06
N PRO A 299 14.99 -9.64 14.27
CA PRO A 299 14.07 -9.30 13.19
C PRO A 299 12.74 -8.80 13.73
N LEU A 300 12.07 -7.95 12.95
CA LEU A 300 10.70 -7.59 13.27
C LEU A 300 9.82 -8.83 13.36
N ASN A 301 9.04 -8.91 14.44
CA ASN A 301 7.89 -9.82 14.50
C ASN A 301 6.70 -8.93 14.78
N GLU A 302 5.64 -9.09 13.99
CA GLU A 302 4.46 -8.24 14.10
C GLU A 302 3.83 -8.30 15.48
N VAL A 303 3.88 -9.47 16.11
CA VAL A 303 3.32 -9.60 17.48
C VAL A 303 4.05 -8.74 18.51
N ASP A 304 5.29 -8.34 18.20
CA ASP A 304 6.08 -7.47 19.09
C ASP A 304 5.74 -5.98 18.99
N LEU A 305 4.99 -5.63 17.94
CA LEU A 305 4.51 -4.25 17.75
C LEU A 305 3.28 -3.96 18.60
N HIS A 306 3.26 -2.81 19.27
CA HIS A 306 2.06 -2.38 20.00
C HIS A 306 1.82 -0.89 19.81
N PRO A 307 0.55 -0.45 19.86
CA PRO A 307 0.31 0.98 19.67
C PRO A 307 1.00 1.79 20.79
N LEU A 308 1.48 2.97 20.41
CA LEU A 308 2.09 3.90 21.36
C LEU A 308 1.10 4.31 22.46
N VAL A 309 -0.15 4.51 22.06
CA VAL A 309 -1.17 4.89 23.02
C VAL A 309 -2.20 3.77 23.18
N SER A 310 -2.84 3.74 24.35
CA SER A 310 -3.76 2.68 24.67
C SER A 310 -4.86 2.66 23.62
N THR A 311 -5.02 1.53 22.93
CA THR A 311 -6.00 1.46 21.83
C THR A 311 -6.83 0.21 21.95
N PRO A 312 -8.07 0.37 22.44
CA PRO A 312 -8.95 -0.76 22.70
C PRO A 312 -9.30 -1.56 21.44
N VAL A 313 -9.22 -2.89 21.56
CA VAL A 313 -9.66 -3.81 20.53
C VAL A 313 -11.19 -3.85 20.52
N PRO A 314 -11.83 -3.64 19.35
CA PRO A 314 -13.30 -3.76 19.23
C PRO A 314 -13.81 -5.09 19.78
N GLY A 315 -15.01 -5.06 20.35
CA GLY A 315 -15.64 -6.29 20.86
C GLY A 315 -15.13 -6.82 22.18
N SER A 316 -15.29 -8.13 22.37
CA SER A 316 -14.96 -8.76 23.65
C SER A 316 -13.94 -9.88 23.46
N PRO A 317 -13.04 -10.07 24.45
CA PRO A 317 -11.87 -10.96 24.34
C PRO A 317 -12.16 -12.45 24.19
N SER A 318 -12.83 -12.83 23.11
CA SER A 318 -13.03 -14.23 22.76
C SER A 318 -13.29 -14.36 21.27
N SER A 319 -12.89 -15.49 20.70
CA SER A 319 -13.16 -15.75 19.29
C SER A 319 -14.62 -15.48 18.98
N GLY A 320 -14.86 -14.52 18.07
CA GLY A 320 -16.20 -14.20 17.62
C GLY A 320 -17.00 -13.29 18.54
N GLY A 321 -16.33 -12.77 19.58
CA GLY A 321 -16.96 -11.81 20.51
C GLY A 321 -17.10 -10.42 19.90
N VAL A 322 -17.83 -10.34 18.79
CA VAL A 322 -18.04 -9.11 18.01
C VAL A 322 -19.48 -9.14 17.55
N ASP A 323 -19.95 -8.05 16.95
CA ASP A 323 -21.32 -8.04 16.42
C ASP A 323 -21.43 -8.90 15.16
N LYS A 324 -20.38 -8.92 14.34
CA LYS A 324 -20.41 -9.68 13.09
C LYS A 324 -19.05 -10.28 12.78
N ALA A 325 -19.04 -11.59 12.59
CA ALA A 325 -17.80 -12.28 12.27
C ALA A 325 -17.93 -12.83 10.85
N ILE A 326 -16.88 -12.66 10.06
CA ILE A 326 -16.86 -13.17 8.69
C ILE A 326 -15.57 -13.92 8.42
N ASN A 327 -15.72 -15.10 7.83
CA ASN A 327 -14.57 -15.89 7.43
C ASN A 327 -14.42 -15.82 5.92
N MET A 328 -13.17 -15.70 5.48
CA MET A 328 -12.89 -15.55 4.05
C MET A 328 -12.21 -16.81 3.59
N ALA A 329 -12.97 -17.64 2.85
CA ALA A 329 -12.47 -18.91 2.34
C ALA A 329 -11.86 -18.68 0.96
N PHE A 330 -10.57 -18.99 0.82
CA PHE A 330 -9.87 -18.72 -0.42
C PHE A 330 -9.89 -19.91 -1.37
N ASN A 331 -10.05 -19.63 -2.67
CA ASN A 331 -9.85 -20.62 -3.73
C ASN A 331 -9.13 -19.99 -4.93
N PHE A 332 -8.56 -20.85 -5.78
CA PHE A 332 -7.79 -20.43 -6.94
C PHE A 332 -7.80 -21.56 -7.95
N ASN A 333 -8.11 -21.21 -9.19
CA ASN A 333 -8.24 -22.22 -10.21
C ASN A 333 -7.19 -22.11 -11.32
N GLY A 334 -6.11 -21.37 -11.08
CA GLY A 334 -5.04 -21.23 -12.08
C GLY A 334 -5.02 -19.86 -12.78
N SER A 335 -6.19 -19.25 -12.95
CA SER A 335 -6.25 -17.93 -13.56
C SER A 335 -6.91 -16.94 -12.61
N ASN A 336 -7.84 -17.45 -11.80
CA ASN A 336 -8.66 -16.59 -10.94
C ASN A 336 -8.66 -17.00 -9.48
N PHE A 337 -8.72 -15.98 -8.63
CA PHE A 337 -8.86 -16.18 -7.21
C PHE A 337 -10.31 -16.01 -6.83
N PHE A 338 -10.69 -16.66 -5.72
CA PHE A 338 -12.06 -16.64 -5.22
C PHE A 338 -12.05 -16.43 -3.71
N ILE A 339 -13.04 -15.69 -3.23
CA ILE A 339 -13.26 -15.58 -1.82
C ILE A 339 -14.70 -16.00 -1.58
N ASN A 340 -14.84 -17.04 -0.77
CA ASN A 340 -16.15 -17.63 -0.46
C ASN A 340 -16.90 -17.93 -1.73
N GLY A 341 -16.19 -18.48 -2.74
CA GLY A 341 -16.80 -19.00 -3.96
C GLY A 341 -17.04 -17.99 -5.09
N ALA A 342 -16.65 -16.75 -4.84
CA ALA A 342 -16.82 -15.65 -5.79
C ALA A 342 -15.48 -15.02 -6.16
N SER A 343 -15.20 -14.96 -7.45
CA SER A 343 -14.05 -14.24 -7.99
C SER A 343 -14.56 -12.85 -8.37
N PHE A 344 -13.89 -11.80 -7.90
CA PHE A 344 -14.43 -10.44 -8.09
C PHE A 344 -14.33 -10.01 -9.54
N VAL A 345 -15.46 -9.61 -10.11
CA VAL A 345 -15.48 -9.02 -11.44
C VAL A 345 -16.07 -7.61 -11.29
N PRO A 346 -15.30 -6.58 -11.70
CA PRO A 346 -15.80 -5.22 -11.49
C PRO A 346 -17.15 -4.95 -12.20
N PRO A 347 -18.11 -4.33 -11.48
CA PRO A 347 -19.42 -4.09 -12.06
C PRO A 347 -19.36 -2.91 -13.02
N THR A 348 -20.36 -2.77 -13.88
CA THR A 348 -20.45 -1.64 -14.82
C THR A 348 -20.71 -0.34 -14.08
N VAL A 349 -21.65 -0.36 -13.15
CA VAL A 349 -21.94 0.79 -12.31
C VAL A 349 -21.11 0.64 -11.05
N PRO A 350 -20.27 1.65 -10.71
CA PRO A 350 -19.43 1.47 -9.52
C PRO A 350 -20.30 1.21 -8.29
N VAL A 351 -19.81 0.42 -7.35
CA VAL A 351 -20.59 0.09 -6.17
C VAL A 351 -21.15 1.32 -5.44
N LEU A 352 -20.35 2.36 -5.29
CA LEU A 352 -20.85 3.60 -4.66
C LEU A 352 -22.02 4.18 -5.45
N LEU A 353 -21.88 4.25 -6.78
CA LEU A 353 -22.96 4.76 -7.64
C LEU A 353 -24.23 3.88 -7.53
N GLN A 354 -24.06 2.57 -7.36
CA GLN A 354 -25.22 1.69 -7.16
C GLN A 354 -25.91 2.08 -5.87
N ILE A 355 -25.12 2.32 -4.82
CA ILE A 355 -25.71 2.65 -3.50
C ILE A 355 -26.44 3.99 -3.60
N LEU A 356 -25.80 4.97 -4.24
CA LEU A 356 -26.42 6.28 -4.48
C LEU A 356 -27.72 6.15 -5.28
N SER A 357 -27.81 5.13 -6.14
CA SER A 357 -29.00 4.86 -6.95
C SER A 357 -30.01 3.92 -6.26
N GLY A 358 -29.82 3.66 -4.95
CA GLY A 358 -30.82 2.95 -4.15
C GLY A 358 -30.47 1.58 -3.62
N ALA A 359 -29.42 0.95 -4.18
CA ALA A 359 -29.07 -0.43 -3.79
C ALA A 359 -28.39 -0.43 -2.44
N GLN A 360 -29.06 -1.01 -1.44
CA GLN A 360 -28.56 -1.00 -0.06
C GLN A 360 -28.34 -2.38 0.56
N THR A 361 -28.75 -3.44 -0.15
CA THR A 361 -28.62 -4.78 0.39
C THR A 361 -27.69 -5.60 -0.49
N ALA A 362 -27.07 -6.62 0.11
CA ALA A 362 -26.21 -7.56 -0.66
C ALA A 362 -26.93 -8.13 -1.88
N GLN A 363 -28.24 -8.37 -1.74
CA GLN A 363 -29.05 -8.90 -2.81
C GLN A 363 -29.17 -7.96 -4.03
N ASP A 364 -29.30 -6.65 -3.76
CA ASP A 364 -29.45 -5.66 -4.83
C ASP A 364 -28.12 -5.19 -5.42
N LEU A 365 -27.03 -5.34 -4.67
CA LEU A 365 -25.72 -4.81 -5.05
C LEU A 365 -24.93 -5.76 -5.97
N LEU A 366 -24.23 -5.19 -6.94
CA LEU A 366 -23.41 -6.01 -7.84
C LEU A 366 -21.93 -5.72 -7.61
N PRO A 367 -21.04 -6.72 -7.84
CA PRO A 367 -21.42 -8.08 -8.29
C PRO A 367 -22.01 -8.96 -7.17
N SER A 368 -22.91 -9.84 -7.55
CA SER A 368 -23.57 -10.74 -6.59
C SER A 368 -22.55 -11.68 -5.98
N GLY A 369 -22.60 -11.85 -4.66
CA GLY A 369 -21.71 -12.80 -3.95
C GLY A 369 -20.38 -12.21 -3.47
N SER A 370 -20.09 -10.98 -3.88
CA SER A 370 -18.83 -10.32 -3.52
C SER A 370 -19.00 -9.09 -2.60
N VAL A 371 -20.24 -8.78 -2.22
CA VAL A 371 -20.53 -7.59 -1.39
C VAL A 371 -21.11 -8.01 -0.03
N TYR A 372 -20.43 -7.57 1.02
CA TYR A 372 -20.83 -7.88 2.39
C TYR A 372 -21.37 -6.62 3.01
N VAL A 373 -22.66 -6.62 3.34
CA VAL A 373 -23.28 -5.49 4.03
C VAL A 373 -22.97 -5.56 5.52
N LEU A 374 -22.42 -4.48 6.05
CA LEU A 374 -22.07 -4.42 7.46
C LEU A 374 -22.99 -3.44 8.18
N PRO A 375 -23.42 -3.78 9.41
CA PRO A 375 -24.18 -2.83 10.22
C PRO A 375 -23.32 -1.69 10.72
N SER A 376 -23.97 -0.56 11.02
CA SER A 376 -23.31 0.64 11.49
C SER A 376 -22.88 0.48 12.94
N ASN A 377 -21.73 1.06 13.28
CA ASN A 377 -21.27 1.21 14.70
C ASN A 377 -21.21 -0.16 15.37
N ALA A 378 -20.60 -1.10 14.65
CA ALA A 378 -20.59 -2.47 15.09
C ALA A 378 -19.17 -2.99 15.07
N SER A 379 -18.87 -4.00 15.89
CA SER A 379 -17.55 -4.62 15.88
C SER A 379 -17.56 -5.76 14.88
N ILE A 380 -16.50 -5.80 14.07
CA ILE A 380 -16.38 -6.75 12.97
C ILE A 380 -15.12 -7.54 13.19
N GLU A 381 -15.21 -8.86 13.03
CA GLU A 381 -14.03 -9.70 13.03
C GLU A 381 -13.95 -10.46 11.71
N ILE A 382 -12.80 -10.40 11.06
CA ILE A 382 -12.63 -11.10 9.80
C ILE A 382 -11.42 -12.02 9.91
N SER A 383 -11.59 -13.30 9.54
CA SER A 383 -10.48 -14.27 9.55
C SER A 383 -10.16 -14.66 8.11
N PHE A 384 -8.86 -14.87 7.83
CA PHE A 384 -8.38 -15.19 6.50
C PHE A 384 -7.53 -16.47 6.54
N PRO A 385 -8.14 -17.63 6.86
CA PRO A 385 -7.32 -18.82 7.09
C PRO A 385 -6.48 -19.20 5.87
N ALA A 386 -5.18 -19.40 6.10
CA ALA A 386 -4.26 -19.69 5.02
C ALA A 386 -4.63 -21.07 4.52
N THR A 387 -4.62 -21.26 3.21
CA THR A 387 -4.93 -22.55 2.63
C THR A 387 -4.06 -22.77 1.41
N ALA A 388 -3.65 -24.03 1.19
CA ALA A 388 -2.95 -24.41 -0.05
C ALA A 388 -3.79 -24.16 -1.30
N ALA A 389 -5.11 -24.05 -1.12
CA ALA A 389 -6.02 -23.74 -2.23
C ALA A 389 -5.73 -22.38 -2.85
N ALA A 390 -4.89 -21.56 -2.20
CA ALA A 390 -4.64 -20.20 -2.67
C ALA A 390 -3.15 -19.89 -2.81
N PRO A 391 -2.51 -20.42 -3.88
CA PRO A 391 -1.06 -20.23 -4.09
C PRO A 391 -0.67 -18.75 -4.16
N GLY A 392 0.60 -18.46 -3.92
CA GLY A 392 1.10 -17.08 -3.94
C GLY A 392 1.09 -16.44 -2.58
N ALA A 393 1.11 -17.29 -1.55
CA ALA A 393 1.20 -16.83 -0.17
C ALA A 393 2.65 -16.40 0.08
N PRO A 394 2.87 -15.51 1.07
CA PRO A 394 1.85 -14.89 1.91
C PRO A 394 1.10 -13.73 1.23
N HIS A 395 -0.22 -13.76 1.32
CA HIS A 395 -1.12 -12.78 0.71
C HIS A 395 -1.32 -11.62 1.71
N PRO A 396 -0.85 -10.43 1.37
CA PRO A 396 -1.11 -9.28 2.26
C PRO A 396 -2.47 -8.67 1.93
N PHE A 397 -3.39 -8.71 2.87
CA PHE A 397 -4.70 -8.13 2.62
C PHE A 397 -4.77 -6.71 3.11
N HIS A 398 -5.50 -5.90 2.34
CA HIS A 398 -5.72 -4.50 2.68
C HIS A 398 -7.22 -4.22 2.83
N LEU A 399 -7.58 -3.53 3.91
CA LEU A 399 -8.96 -3.06 4.09
C LEU A 399 -8.98 -1.56 3.90
N HIS A 400 -9.80 -1.07 2.95
CA HIS A 400 -9.95 0.36 2.70
C HIS A 400 -10.81 1.00 3.81
N GLY A 401 -10.65 2.31 4.03
CA GLY A 401 -11.52 3.08 4.94
C GLY A 401 -11.31 2.85 6.44
N HIS A 402 -10.36 1.98 6.79
CA HIS A 402 -10.18 1.57 8.19
C HIS A 402 -8.76 1.18 8.52
N THR A 403 -8.39 1.34 9.78
CA THR A 403 -7.30 0.61 10.41
C THR A 403 -7.97 -0.52 11.18
N PHE A 404 -7.24 -1.62 11.42
CA PHE A 404 -7.85 -2.72 12.15
C PHE A 404 -6.84 -3.28 13.13
N ALA A 405 -7.33 -3.92 14.17
CA ALA A 405 -6.47 -4.57 15.14
C ALA A 405 -6.08 -5.92 14.56
N VAL A 406 -4.79 -6.27 14.61
CA VAL A 406 -4.33 -7.59 14.19
C VAL A 406 -4.38 -8.47 15.43
N VAL A 407 -5.56 -9.06 15.66
CA VAL A 407 -5.74 -9.89 16.85
C VAL A 407 -4.88 -11.16 16.81
N ARG A 408 -4.72 -11.74 15.62
CA ARG A 408 -3.82 -12.85 15.42
C ARG A 408 -2.96 -12.59 14.18
N SER A 409 -1.65 -12.56 14.37
CA SER A 409 -0.69 -12.35 13.30
C SER A 409 -0.27 -13.66 12.64
N ALA A 410 0.28 -13.54 11.43
CA ALA A 410 0.91 -14.68 10.76
C ALA A 410 2.07 -15.22 11.62
N GLY A 411 2.21 -16.55 11.66
CA GLY A 411 3.31 -17.20 12.37
C GLY A 411 3.10 -17.20 13.87
N SER A 412 1.86 -16.98 14.28
CA SER A 412 1.50 -16.93 15.69
C SER A 412 0.16 -17.64 15.93
N THR A 413 0.01 -18.28 17.08
CA THR A 413 -1.23 -18.96 17.43
C THR A 413 -1.99 -18.19 18.51
N VAL A 414 -1.40 -17.08 18.94
CA VAL A 414 -1.97 -16.25 20.00
C VAL A 414 -3.02 -15.26 19.47
N TYR A 415 -4.12 -15.12 20.22
CA TYR A 415 -5.08 -14.06 19.97
C TYR A 415 -4.87 -12.98 21.01
N ASN A 416 -4.53 -11.77 20.54
CA ASN A 416 -4.20 -10.66 21.44
C ASN A 416 -5.36 -9.68 21.43
N TYR A 417 -6.17 -9.72 22.49
CA TYR A 417 -7.33 -8.85 22.62
C TYR A 417 -7.02 -7.66 23.49
N ASP A 418 -5.78 -7.58 23.94
CA ASP A 418 -5.37 -6.50 24.82
C ASP A 418 -4.69 -5.34 24.10
N ASN A 419 -3.51 -5.59 23.54
CA ASN A 419 -2.70 -4.50 22.99
C ASN A 419 -2.07 -4.77 21.62
N PRO A 420 -2.82 -5.41 20.70
CA PRO A 420 -2.20 -5.71 19.42
C PRO A 420 -2.04 -4.43 18.61
N ILE A 421 -1.08 -4.45 17.69
CA ILE A 421 -0.92 -3.37 16.75
C ILE A 421 -2.18 -3.21 15.90
N PHE A 422 -2.44 -1.97 15.45
CA PHE A 422 -3.47 -1.68 14.47
C PHE A 422 -2.72 -1.28 13.21
N ARG A 423 -3.26 -1.64 12.05
CA ARG A 423 -2.60 -1.30 10.80
C ARG A 423 -3.61 -1.42 9.68
N ASP A 424 -3.20 -1.29 8.42
CA ASP A 424 -4.17 -1.42 7.33
C ASP A 424 -3.84 -2.45 6.25
N VAL A 425 -2.61 -2.99 6.26
CA VAL A 425 -2.23 -4.12 5.38
C VAL A 425 -1.62 -5.21 6.26
N VAL A 426 -2.12 -6.43 6.15
CA VAL A 426 -1.61 -7.50 6.98
C VAL A 426 -1.32 -8.76 6.16
N SER A 427 -0.13 -9.33 6.36
CA SER A 427 0.16 -10.66 5.81
C SER A 427 -0.76 -11.72 6.38
N THR A 428 -1.34 -12.54 5.50
CA THR A 428 -2.23 -13.62 5.95
C THR A 428 -1.48 -14.96 6.10
N GLY A 429 -0.15 -14.87 6.07
CA GLY A 429 0.73 -15.99 6.40
C GLY A 429 0.66 -17.13 5.41
N THR A 430 0.94 -18.34 5.88
CA THR A 430 1.03 -19.51 5.00
C THR A 430 0.30 -20.70 5.61
N PRO A 431 -0.16 -21.64 4.75
CA PRO A 431 -0.80 -22.86 5.24
C PRO A 431 0.17 -23.77 5.99
N ALA A 432 1.47 -23.74 5.62
CA ALA A 432 2.48 -24.58 6.29
C ALA A 432 2.47 -24.37 7.80
N ALA A 433 2.12 -23.14 8.19
CA ALA A 433 2.10 -22.71 9.59
C ALA A 433 0.73 -22.83 10.20
N GLY A 434 -0.27 -23.22 9.41
CA GLY A 434 -1.63 -23.29 9.93
C GLY A 434 -2.17 -21.91 10.26
N ASP A 435 -1.68 -20.89 9.55
CA ASP A 435 -2.08 -19.52 9.88
C ASP A 435 -3.59 -19.26 9.76
N ASN A 436 -4.08 -18.43 10.67
CA ASN A 436 -5.45 -17.98 10.59
C ASN A 436 -5.49 -16.53 11.04
N VAL A 437 -4.94 -15.66 10.19
CA VAL A 437 -4.81 -14.23 10.52
C VAL A 437 -6.18 -13.59 10.66
N THR A 438 -6.36 -12.83 11.73
CA THR A 438 -7.65 -12.35 12.16
C THR A 438 -7.57 -10.89 12.57
N ILE A 439 -8.53 -10.11 12.09
CA ILE A 439 -8.51 -8.67 12.31
C ILE A 439 -9.85 -8.25 12.89
N ARG A 440 -9.88 -7.06 13.50
CA ARG A 440 -11.11 -6.53 14.04
C ARG A 440 -11.14 -5.03 13.79
N PHE A 441 -12.32 -4.51 13.49
CA PHE A 441 -12.46 -3.07 13.32
C PHE A 441 -13.89 -2.71 13.68
N ASP A 442 -14.14 -1.41 13.87
CA ASP A 442 -15.49 -0.92 14.12
C ASP A 442 -16.01 -0.23 12.87
N THR A 443 -17.31 -0.33 12.63
CA THR A 443 -17.91 0.29 11.44
C THR A 443 -18.42 1.73 11.68
N ASN A 444 -17.50 2.68 11.71
CA ASN A 444 -17.87 4.09 11.91
C ASN A 444 -17.59 4.93 10.68
N ASN A 445 -17.63 4.30 9.51
CA ASN A 445 -17.25 4.97 8.28
C ASN A 445 -18.14 4.52 7.13
N PRO A 446 -19.35 5.12 6.99
CA PRO A 446 -20.30 4.64 5.97
C PRO A 446 -19.74 4.71 4.54
N GLY A 447 -19.91 3.64 3.78
CA GLY A 447 -19.46 3.60 2.39
C GLY A 447 -19.04 2.19 2.02
N PRO A 448 -18.88 1.94 0.71
CA PRO A 448 -18.34 0.67 0.25
C PRO A 448 -16.82 0.76 0.27
N TRP A 449 -16.19 -0.22 0.92
CA TRP A 449 -14.74 -0.23 1.09
C TRP A 449 -14.21 -1.56 0.56
N PHE A 450 -13.20 -1.46 -0.29
CA PHE A 450 -12.60 -2.66 -0.88
C PHE A 450 -11.79 -3.39 0.19
N LEU A 451 -11.78 -4.71 0.08
CA LEU A 451 -10.94 -5.56 0.95
C LEU A 451 -10.38 -6.59 0.01
N HIS A 452 -9.05 -6.59 -0.10
CA HIS A 452 -8.42 -7.34 -1.17
C HIS A 452 -6.96 -7.66 -0.92
N CYS A 453 -6.50 -8.70 -1.59
CA CYS A 453 -5.06 -8.96 -1.60
C CYS A 453 -4.37 -7.82 -2.34
N HIS A 454 -3.28 -7.32 -1.75
CA HIS A 454 -2.58 -6.16 -2.33
C HIS A 454 -1.46 -6.60 -3.28
N ILE A 455 -1.35 -7.91 -3.54
CA ILE A 455 -0.53 -8.35 -4.68
C ILE A 455 -1.38 -8.07 -5.90
N ASP A 456 -0.96 -7.07 -6.69
CA ASP A 456 -1.86 -6.45 -7.66
C ASP A 456 -2.35 -7.47 -8.70
N PHE A 457 -1.47 -8.41 -9.06
CA PHE A 457 -1.83 -9.44 -10.04
C PHE A 457 -2.94 -10.36 -9.47
N HIS A 458 -2.93 -10.55 -8.15
CA HIS A 458 -3.99 -11.35 -7.50
C HIS A 458 -5.31 -10.57 -7.46
N LEU A 459 -5.24 -9.28 -7.12
CA LEU A 459 -6.45 -8.43 -7.18
C LEU A 459 -7.09 -8.54 -8.57
N GLU A 460 -6.22 -8.45 -9.57
CA GLU A 460 -6.62 -8.52 -10.98
C GLU A 460 -7.36 -9.83 -11.27
N GLY A 461 -6.84 -10.93 -10.73
CA GLY A 461 -7.50 -12.24 -10.81
C GLY A 461 -8.74 -12.42 -9.93
N GLY A 462 -9.20 -11.34 -9.31
CA GLY A 462 -10.47 -11.35 -8.57
C GLY A 462 -10.39 -11.54 -7.07
N PHE A 463 -9.17 -11.44 -6.50
CA PHE A 463 -8.97 -11.71 -5.07
C PHE A 463 -9.41 -10.54 -4.20
N ALA A 464 -10.71 -10.28 -4.19
CA ALA A 464 -11.25 -9.07 -3.53
C ALA A 464 -12.72 -9.24 -3.20
N VAL A 465 -13.19 -8.51 -2.19
CA VAL A 465 -14.62 -8.39 -1.88
C VAL A 465 -14.88 -6.94 -1.47
N VAL A 466 -16.14 -6.55 -1.31
CA VAL A 466 -16.50 -5.20 -0.88
C VAL A 466 -17.22 -5.24 0.46
N MET A 467 -16.75 -4.43 1.40
CA MET A 467 -17.45 -4.21 2.64
C MET A 467 -18.37 -3.01 2.45
N ALA A 468 -19.66 -3.26 2.28
CA ALA A 468 -20.65 -2.21 2.12
C ALA A 468 -21.16 -1.78 3.49
N GLU A 469 -20.58 -0.71 4.02
CA GLU A 469 -20.77 -0.35 5.41
C GLU A 469 -21.83 0.73 5.61
N ASP A 470 -22.79 0.46 6.49
CA ASP A 470 -23.91 1.39 6.77
C ASP A 470 -24.53 1.91 5.50
N THR A 471 -25.01 1.02 4.62
CA THR A 471 -25.52 1.45 3.33
C THR A 471 -26.65 2.54 3.40
N PRO A 472 -27.57 2.46 4.40
CA PRO A 472 -28.61 3.53 4.44
C PRO A 472 -28.11 4.95 4.66
N ASP A 473 -26.91 5.12 5.24
CA ASP A 473 -26.38 6.47 5.49
C ASP A 473 -25.35 6.93 4.45
N VAL A 474 -25.02 6.05 3.51
CA VAL A 474 -23.95 6.34 2.57
C VAL A 474 -24.18 7.64 1.79
N LYS A 475 -25.38 7.81 1.23
CA LYS A 475 -25.66 8.98 0.40
C LYS A 475 -25.53 10.28 1.20
N ALA A 476 -26.12 10.32 2.40
CA ALA A 476 -26.14 11.52 3.21
C ALA A 476 -24.75 11.87 3.69
N VAL A 477 -23.97 10.83 4.04
CA VAL A 477 -22.66 11.03 4.64
C VAL A 477 -21.61 11.41 3.58
N ASN A 478 -21.79 10.93 2.35
CA ASN A 478 -20.80 11.13 1.30
C ASN A 478 -21.28 11.94 0.09
N PRO A 479 -21.61 13.25 0.30
CA PRO A 479 -22.07 14.05 -0.84
C PRO A 479 -21.04 14.05 -1.96
N VAL A 480 -21.48 13.84 -3.19
CA VAL A 480 -20.53 13.68 -4.30
C VAL A 480 -20.48 14.96 -5.13
N PRO A 481 -19.30 15.32 -5.63
CA PRO A 481 -19.20 16.54 -6.43
C PRO A 481 -19.61 16.26 -7.84
N GLN A 482 -20.04 17.29 -8.56
CA GLN A 482 -20.45 17.17 -9.97
C GLN A 482 -19.42 16.44 -10.81
N ALA A 483 -18.14 16.76 -10.63
CA ALA A 483 -17.07 16.11 -11.35
C ALA A 483 -17.09 14.57 -11.15
N TRP A 484 -17.40 14.12 -9.95
CA TRP A 484 -17.49 12.67 -9.71
C TRP A 484 -18.68 12.09 -10.51
N SER A 485 -19.83 12.76 -10.45
CA SER A 485 -21.02 12.33 -11.18
C SER A 485 -20.79 12.26 -12.69
N ASP A 486 -19.86 13.06 -13.19
CA ASP A 486 -19.50 13.10 -14.61
C ASP A 486 -18.56 11.99 -15.06
N LEU A 487 -17.94 11.29 -14.12
CA LEU A 487 -16.89 10.30 -14.47
C LEU A 487 -17.41 9.14 -15.28
N CYS A 488 -18.49 8.52 -14.81
CA CYS A 488 -19.03 7.33 -15.47
C CYS A 488 -19.57 7.59 -16.86
N PRO A 489 -20.35 8.67 -17.06
CA PRO A 489 -20.80 8.89 -18.44
C PRO A 489 -19.63 9.11 -19.40
N THR A 490 -18.64 9.89 -18.98
CA THR A 490 -17.47 10.14 -19.79
C THR A 490 -16.69 8.86 -20.05
N TYR A 491 -16.45 8.08 -19.00
CA TYR A 491 -15.77 6.80 -19.17
C TYR A 491 -16.55 5.85 -20.09
N ASP A 492 -17.86 5.76 -19.86
CA ASP A 492 -18.70 4.82 -20.60
C ASP A 492 -18.85 5.24 -22.06
N ALA A 493 -18.58 6.52 -22.33
CA ALA A 493 -18.64 7.07 -23.71
C ALA A 493 -17.38 6.75 -24.50
N LEU A 494 -16.36 6.20 -23.83
CA LEU A 494 -15.09 6.00 -24.52
C LEU A 494 -15.11 4.79 -25.39
N ASP A 495 -14.51 4.93 -26.57
CA ASP A 495 -14.10 3.79 -27.36
C ASP A 495 -13.28 2.88 -26.44
N PRO A 496 -13.56 1.55 -26.48
CA PRO A 496 -12.80 0.52 -25.76
C PRO A 496 -11.27 0.62 -25.89
N ASN A 497 -10.79 0.98 -27.07
CA ASN A 497 -9.36 1.18 -27.31
C ASN A 497 -8.80 2.43 -26.64
N ASP A 498 -9.70 3.33 -26.20
CA ASP A 498 -9.31 4.55 -25.49
C ASP A 498 -9.33 4.37 -23.97
N GLN A 499 -9.70 3.18 -23.50
CA GLN A 499 -9.76 2.92 -22.07
C GLN A 499 -8.36 2.77 -21.46
C1 NAG B . 2.69 1.19 -24.80
C2 NAG B . 3.87 1.40 -25.78
C3 NAG B . 4.47 0.04 -26.16
C4 NAG B . 4.79 -0.74 -24.88
C5 NAG B . 3.62 -0.80 -23.91
C6 NAG B . 3.98 -1.49 -22.59
C7 NAG B . 4.21 3.22 -27.38
C8 NAG B . 3.66 3.95 -28.58
N2 NAG B . 3.48 2.18 -26.94
O3 NAG B . 5.65 0.26 -26.92
O4 NAG B . 5.12 -2.07 -25.18
O5 NAG B . 3.16 0.52 -23.63
O6 NAG B . 5.02 -0.75 -21.95
O7 NAG B . 5.27 3.59 -26.88
C1 NAG B . 6.46 -2.34 -25.57
C2 NAG B . 7.08 -3.42 -24.70
C3 NAG B . 8.37 -3.85 -25.40
C4 NAG B . 8.11 -4.25 -26.85
C5 NAG B . 7.28 -3.22 -27.60
C6 NAG B . 6.91 -3.72 -29.01
C7 NAG B . 7.11 -3.34 -22.22
C8 NAG B . 7.59 -2.48 -21.07
N2 NAG B . 7.39 -2.82 -23.42
O3 NAG B . 8.98 -4.94 -24.74
O4 NAG B . 9.34 -4.29 -27.53
O5 NAG B . 6.13 -2.88 -26.87
O6 NAG B . 6.05 -4.84 -28.94
O6 NAG B . 6.69 -2.59 -29.83
O7 NAG B . 6.54 -4.41 -22.03
C1 BMA B . 10.30 -5.33 -27.28
C2 BMA B . 10.98 -5.63 -28.61
C3 BMA B . 12.26 -6.38 -28.29
C4 BMA B . 13.13 -5.62 -27.27
C5 BMA B . 12.29 -5.22 -26.05
C6 BMA B . 13.08 -4.47 -24.99
O2 BMA B . 11.29 -4.42 -29.30
O3 BMA B . 12.99 -6.60 -29.47
O4 BMA B . 14.20 -6.44 -26.91
O5 BMA B . 11.15 -4.48 -26.49
O6 BMA B . 13.71 -3.33 -25.50
C1 MAN B . 14.65 -2.63 -24.64
C2 MAN B . 14.59 -1.11 -24.75
C3 MAN B . 15.03 -0.67 -26.15
C4 MAN B . 16.39 -1.27 -26.52
C5 MAN B . 16.38 -2.77 -26.30
C6 MAN B . 17.71 -3.49 -26.56
O2 MAN B . 15.41 -0.49 -23.77
O3 MAN B . 15.09 0.75 -26.20
O4 MAN B . 16.69 -0.94 -27.86
O5 MAN B . 15.97 -3.05 -24.96
O6 MAN B . 18.67 -3.13 -25.59
C1 MAN B . 14.05 1.27 -27.06
C2 MAN B . 14.34 2.73 -27.40
C3 MAN B . 14.17 3.65 -26.18
C4 MAN B . 12.80 3.42 -25.56
C5 MAN B . 12.54 1.93 -25.33
C6 MAN B . 11.10 1.76 -24.87
O2 MAN B . 13.47 3.13 -28.44
O3 MAN B . 14.25 5.04 -26.50
O4 MAN B . 12.71 4.14 -24.36
O5 MAN B . 12.74 1.18 -26.52
O6 MAN B . 10.39 2.91 -25.31
C1 MAN B . 20.12 -3.12 -25.56
C2 MAN B . 20.92 -3.10 -24.25
C3 MAN B . 21.05 -1.67 -23.72
C4 MAN B . 21.52 -0.68 -24.79
C5 MAN B . 20.79 -0.87 -26.12
C6 MAN B . 21.46 -0.02 -27.21
O2 MAN B . 22.18 -3.73 -24.43
O3 MAN B . 21.94 -1.63 -22.61
O4 MAN B . 21.30 0.65 -24.34
O5 MAN B . 20.73 -2.25 -26.51
O6 MAN B . 21.81 -0.78 -28.34
C1 MAN B . 13.15 -7.99 -29.80
C2 MAN B . 14.05 -7.92 -31.06
C3 MAN B . 13.26 -7.88 -32.37
C4 MAN B . 12.18 -8.95 -32.30
C5 MAN B . 11.23 -8.58 -31.15
C6 MAN B . 9.98 -9.46 -31.12
O2 MAN B . 14.90 -9.04 -31.08
O3 MAN B . 14.10 -8.08 -33.49
O4 MAN B . 11.51 -9.06 -33.53
O5 MAN B . 11.94 -8.73 -29.93
O6 MAN B . 9.07 -9.01 -32.11
C1 NAG C . 22.45 -3.83 17.09
C2 NAG C . 23.75 -3.32 17.73
C3 NAG C . 24.62 -4.52 18.10
C4 NAG C . 23.83 -5.55 18.93
C5 NAG C . 22.51 -5.90 18.21
C6 NAG C . 21.65 -6.86 19.03
C7 NAG C . 24.65 -1.19 16.96
C8 NAG C . 25.40 -0.50 15.85
N2 NAG C . 24.44 -2.49 16.79
O3 NAG C . 25.77 -4.07 18.80
O4 NAG C . 24.56 -6.74 19.08
O5 NAG C . 21.78 -4.72 17.95
O6 NAG C . 21.27 -6.22 20.22
O7 NAG C . 24.28 -0.56 17.96
C1 NAG C . 25.27 -6.89 20.33
C2 NAG C . 25.54 -8.40 20.33
C3 NAG C . 26.56 -8.72 21.41
C4 NAG C . 27.81 -7.87 21.26
C5 NAG C . 27.54 -6.39 20.97
C6 NAG C . 28.77 -5.75 20.33
C7 NAG C . 23.80 -10.02 19.72
C8 NAG C . 24.49 -10.20 18.39
N2 NAG C . 24.34 -9.16 20.58
O3 NAG C . 26.92 -10.07 21.39
O4 NAG C . 28.53 -8.03 22.46
O5 NAG C . 26.48 -6.18 20.06
O6 NAG C . 28.74 -4.35 20.55
O7 NAG C . 22.77 -10.66 19.98
C1 BMA C . 29.96 -8.06 22.48
C2 BMA C . 30.63 -7.74 23.84
C3 BMA C . 32.15 -7.96 23.79
C4 BMA C . 32.54 -9.23 23.03
C5 BMA C . 31.81 -9.30 21.68
C6 BMA C . 32.17 -10.52 20.82
O2 BMA C . 30.04 -8.45 24.91
O3 BMA C . 32.69 -7.93 25.11
O4 BMA C . 33.93 -9.17 22.81
O5 BMA C . 30.40 -9.28 21.90
O6 BMA C . 31.38 -11.63 21.16
C1 NAG D . -10.14 -19.35 11.45
C2 NAG D . -10.63 -20.82 11.41
C3 NAG D . -12.12 -20.90 11.17
C4 NAG D . -12.87 -20.02 12.19
C5 NAG D . -12.29 -18.59 12.11
C6 NAG D . -13.01 -17.63 13.06
C7 NAG D . -8.95 -22.31 10.53
C8 NAG D . -8.41 -23.01 9.30
N2 NAG D . -10.01 -21.54 10.32
O3 NAG D . -12.54 -22.24 11.20
O4 NAG D . -14.24 -20.06 11.86
O5 NAG D . -10.89 -18.59 12.39
O6 NAG D . -12.88 -18.10 14.37
O7 NAG D . -8.45 -22.46 11.65
C1 NAG D . -15.29 -20.52 12.75
C2 NAG D . -16.64 -20.09 12.18
C3 NAG D . -17.80 -20.62 13.03
C4 NAG D . -17.66 -22.13 13.28
C5 NAG D . -16.24 -22.45 13.75
C6 NAG D . -16.01 -23.96 13.82
C7 NAG D . -17.14 -18.00 10.98
C8 NAG D . -17.56 -18.75 9.76
N2 NAG D . -16.73 -18.65 12.06
O3 NAG D . -19.02 -20.30 12.37
O4 NAG D . -18.60 -22.59 14.23
O5 NAG D . -15.25 -21.93 12.87
O6 NAG D . -15.04 -24.14 14.82
O7 NAG D . -17.19 -16.77 10.97
CU CU E . -6.77 -1.20 -2.50
CU CU E . -6.40 -1.47 -1.46
O1 OXY F . -4.96 -0.40 -2.09
O2 OXY F . -4.89 -1.27 -2.72
CU CU G . -3.10 0.31 -1.75
CU CU H . -2.46 -12.57 -3.04
CU CU I . -5.69 1.11 0.39
C1 NAG J . -11.29 -20.10 -13.48
C2 NAG J . -11.19 -20.57 -14.92
C3 NAG J . -11.78 -19.56 -15.91
C4 NAG J . -13.07 -18.90 -15.41
C5 NAG J . -12.87 -18.43 -13.97
C6 NAG J . -14.03 -17.62 -13.38
C7 NAG J . -9.19 -21.96 -15.40
C8 NAG J . -7.73 -21.96 -15.73
N2 NAG J . -9.77 -20.77 -15.25
O3 NAG J . -11.99 -20.18 -17.16
O4 NAG J . -13.36 -17.82 -16.26
O5 NAG J . -12.59 -19.59 -13.20
O6 NAG J . -15.08 -18.48 -12.98
O7 NAG J . -9.78 -23.04 -15.27
#